data_4UU2
#
_entry.id   4UU2
#
_cell.length_a   39.210
_cell.length_b   83.880
_cell.length_c   132.020
_cell.angle_alpha   90.00
_cell.angle_beta   90.00
_cell.angle_gamma   90.00
#
_symmetry.space_group_name_H-M   'P 2 21 21'
#
loop_
_entity.id
_entity.type
_entity.pdbx_description
1 polymer 'FERULIC ACID DECARBOXYLASE'
2 non-polymer 'PHOSPHATE ION'
3 non-polymer GLYCINE
4 non-polymer 'SULFATE ION'
5 water water
#
_entity_poly.entity_id   1
_entity_poly.type   'polypeptide(L)'
_entity_poly.pdbx_seq_one_letter_code
;MNTFDKHDLSGFVGKHLVYTYDNGWEYEIYVKNENTLDYRIHSGLVGNRWVKDQQAYIVRVGESIYKISWTAPTGTDVSL
IVNLGDSLFHGTIFFPRWVMNNPEKTVCFQNDHIPLMNSYRDAGPAYPTEVIDEFATITFVRDCGANNESVIACAASELP
KNFPDNLK
;
_entity_poly.pdbx_strand_id   A,B
#
# COMPACT_ATOMS: atom_id res chain seq x y z
N MET A 1 -12.23 20.34 10.25
CA MET A 1 -12.52 18.91 10.15
C MET A 1 -12.96 18.54 8.74
N ASN A 2 -12.77 17.27 8.39
CA ASN A 2 -13.26 16.76 7.11
C ASN A 2 -14.78 16.72 7.11
N THR A 3 -15.36 16.60 5.91
N THR A 3 -15.36 16.60 5.91
CA THR A 3 -16.81 16.55 5.78
CA THR A 3 -16.81 16.55 5.75
C THR A 3 -17.33 15.13 6.03
C THR A 3 -17.33 15.13 6.00
N PHE A 4 -16.42 14.25 6.44
CA PHE A 4 -16.77 12.88 6.77
C PHE A 4 -15.81 12.42 7.87
N ASP A 5 -16.20 11.39 8.60
CA ASP A 5 -15.36 10.84 9.66
C ASP A 5 -14.47 9.76 9.07
N LYS A 6 -13.16 10.02 9.03
CA LYS A 6 -12.24 9.07 8.40
C LYS A 6 -12.07 7.77 9.19
N HIS A 7 -12.58 7.74 10.42
CA HIS A 7 -12.50 6.53 11.23
C HIS A 7 -13.80 5.70 11.21
N ASP A 8 -14.78 6.17 10.43
CA ASP A 8 -16.06 5.48 10.31
C ASP A 8 -16.04 4.55 9.10
N LEU A 9 -16.04 3.25 9.35
CA LEU A 9 -15.94 2.24 8.30
C LEU A 9 -17.28 1.58 7.99
N SER A 10 -18.35 2.14 8.52
CA SER A 10 -19.66 1.50 8.35
C SER A 10 -20.09 1.36 6.88
N GLY A 11 -19.58 2.23 6.02
CA GLY A 11 -19.89 2.15 4.59
C GLY A 11 -19.13 1.10 3.83
N PHE A 12 -18.16 0.45 4.48
CA PHE A 12 -17.28 -0.52 3.82
C PHE A 12 -17.37 -1.92 4.44
N VAL A 13 -17.49 -1.99 5.76
CA VAL A 13 -17.62 -3.27 6.42
C VAL A 13 -18.85 -3.99 5.91
N GLY A 14 -18.68 -5.26 5.54
CA GLY A 14 -19.77 -6.02 4.96
C GLY A 14 -19.74 -6.09 3.45
N LYS A 15 -18.95 -5.23 2.79
CA LYS A 15 -18.93 -5.24 1.33
C LYS A 15 -18.28 -6.49 0.74
N HIS A 16 -18.84 -6.97 -0.35
CA HIS A 16 -18.35 -8.14 -1.04
C HIS A 16 -18.20 -7.74 -2.50
N LEU A 17 -16.97 -7.80 -3.02
CA LEU A 17 -16.68 -7.32 -4.38
C LEU A 17 -15.94 -8.37 -5.20
N VAL A 18 -16.26 -8.41 -6.49
CA VAL A 18 -15.47 -9.18 -7.45
C VAL A 18 -14.95 -8.18 -8.47
N TYR A 19 -13.69 -8.35 -8.88
CA TYR A 19 -13.06 -7.39 -9.79
C TYR A 19 -11.98 -8.07 -10.61
N THR A 20 -11.72 -7.51 -11.79
CA THR A 20 -10.69 -8.01 -12.70
C THR A 20 -9.68 -6.91 -12.99
N TYR A 21 -8.43 -7.17 -12.63
CA TYR A 21 -7.35 -6.25 -12.91
C TYR A 21 -7.15 -6.08 -14.41
N ASP A 22 -6.48 -5.00 -14.81
CA ASP A 22 -6.24 -4.72 -16.22
C ASP A 22 -5.36 -5.77 -16.91
N ASN A 23 -4.69 -6.61 -16.12
CA ASN A 23 -3.92 -7.72 -16.71
C ASN A 23 -4.75 -9.00 -16.77
N GLY A 24 -6.04 -8.90 -16.48
CA GLY A 24 -6.93 -10.04 -16.60
C GLY A 24 -7.08 -10.89 -15.35
N TRP A 25 -6.34 -10.58 -14.29
CA TRP A 25 -6.41 -11.43 -13.10
C TRP A 25 -7.65 -11.07 -12.27
N GLU A 26 -8.49 -12.07 -11.98
CA GLU A 26 -9.72 -11.83 -11.28
C GLU A 26 -9.64 -12.21 -9.81
N TYR A 27 -10.09 -11.29 -8.96
CA TYR A 27 -10.00 -11.41 -7.50
C TYR A 27 -11.35 -11.10 -6.87
N GLU A 28 -11.47 -11.39 -5.59
CA GLU A 28 -12.72 -11.21 -4.87
C GLU A 28 -12.37 -10.97 -3.40
N ILE A 29 -13.03 -9.99 -2.77
CA ILE A 29 -12.77 -9.72 -1.36
C ILE A 29 -14.09 -9.58 -0.62
N TYR A 30 -14.06 -9.90 0.67
CA TYR A 30 -15.20 -9.70 1.54
C TYR A 30 -14.68 -9.04 2.81
N VAL A 31 -15.16 -7.83 3.08
CA VAL A 31 -14.73 -7.07 4.24
C VAL A 31 -15.53 -7.56 5.45
N LYS A 32 -14.96 -8.52 6.17
CA LYS A 32 -15.70 -9.27 7.19
C LYS A 32 -15.99 -8.45 8.46
N ASN A 33 -15.04 -7.62 8.86
CA ASN A 33 -15.23 -6.68 9.96
C ASN A 33 -14.15 -5.59 9.91
N GLU A 34 -14.04 -4.79 10.96
CA GLU A 34 -13.16 -3.62 10.89
C GLU A 34 -11.68 -3.94 10.75
N ASN A 35 -11.28 -5.18 11.01
CA ASN A 35 -9.87 -5.53 10.84
C ASN A 35 -9.61 -6.91 10.24
N THR A 36 -10.59 -7.41 9.49
CA THR A 36 -10.50 -8.76 8.95
C THR A 36 -11.12 -8.84 7.57
N LEU A 37 -10.45 -9.54 6.65
CA LEU A 37 -11.11 -9.88 5.40
C LEU A 37 -10.95 -11.36 5.05
N ASP A 38 -11.87 -11.86 4.23
CA ASP A 38 -11.70 -13.10 3.50
C ASP A 38 -11.45 -12.71 2.05
N TYR A 39 -10.68 -13.51 1.31
CA TYR A 39 -10.54 -13.24 -0.09
C TYR A 39 -10.32 -14.49 -0.92
N ARG A 40 -10.57 -14.36 -2.22
CA ARG A 40 -10.59 -15.51 -3.09
C ARG A 40 -10.05 -15.09 -4.44
N ILE A 41 -9.04 -15.81 -4.92
CA ILE A 41 -8.42 -15.48 -6.20
C ILE A 41 -8.92 -16.43 -7.29
N HIS A 42 -9.42 -15.87 -8.39
CA HIS A 42 -10.03 -16.67 -9.44
C HIS A 42 -9.06 -17.05 -10.56
N SER A 43 -8.18 -16.13 -10.91
CA SER A 43 -7.25 -16.35 -12.00
C SER A 43 -6.01 -15.50 -11.86
N GLY A 44 -5.02 -15.78 -12.71
CA GLY A 44 -3.78 -15.01 -12.77
C GLY A 44 -2.62 -15.80 -12.22
N LEU A 45 -1.66 -15.10 -11.61
CA LEU A 45 -0.44 -15.73 -11.13
C LEU A 45 -0.72 -16.84 -10.13
N VAL A 46 -1.69 -16.59 -9.25
CA VAL A 46 -2.01 -17.51 -8.16
C VAL A 46 -3.49 -17.86 -8.15
N GLY A 47 -4.06 -18.05 -9.34
CA GLY A 47 -5.45 -18.42 -9.45
C GLY A 47 -5.82 -19.62 -8.59
N ASN A 48 -6.99 -19.51 -7.94
CA ASN A 48 -7.55 -20.55 -7.07
C ASN A 48 -7.07 -20.55 -5.62
N ARG A 49 -6.06 -19.75 -5.32
CA ARG A 49 -5.66 -19.49 -3.94
C ARG A 49 -6.79 -18.75 -3.22
N TRP A 50 -7.05 -19.10 -1.96
CA TRP A 50 -8.02 -18.34 -1.18
C TRP A 50 -7.69 -18.37 0.30
N VAL A 51 -8.24 -17.40 1.03
CA VAL A 51 -7.78 -17.09 2.38
C VAL A 51 -8.97 -16.63 3.23
N LYS A 52 -9.08 -17.13 4.45
CA LYS A 52 -10.07 -16.60 5.40
C LYS A 52 -9.41 -16.00 6.62
N ASP A 53 -10.04 -14.96 7.15
CA ASP A 53 -9.65 -14.35 8.42
C ASP A 53 -8.26 -13.74 8.41
N GLN A 54 -7.93 -13.08 7.31
CA GLN A 54 -6.70 -12.34 7.21
C GLN A 54 -6.83 -11.03 7.99
N GLN A 55 -5.95 -10.83 8.97
N GLN A 55 -5.95 -10.82 8.97
CA GLN A 55 -5.91 -9.56 9.70
CA GLN A 55 -5.91 -9.56 9.70
C GLN A 55 -5.52 -8.45 8.73
C GLN A 55 -5.50 -8.44 8.75
N ALA A 56 -6.27 -7.36 8.75
CA ALA A 56 -6.00 -6.28 7.80
C ALA A 56 -6.14 -4.90 8.42
N TYR A 57 -5.53 -3.93 7.77
CA TYR A 57 -5.62 -2.54 8.17
C TYR A 57 -6.54 -1.83 7.21
N ILE A 58 -7.71 -1.43 7.71
CA ILE A 58 -8.78 -0.92 6.88
C ILE A 58 -9.11 0.51 7.28
N VAL A 59 -9.06 1.42 6.32
CA VAL A 59 -9.27 2.84 6.60
C VAL A 59 -10.12 3.51 5.52
N ARG A 60 -10.68 4.66 5.87
CA ARG A 60 -11.46 5.47 4.95
C ARG A 60 -10.62 6.68 4.55
N VAL A 61 -10.43 6.86 3.24
CA VAL A 61 -9.54 7.93 2.75
C VAL A 61 -10.27 8.98 1.93
N GLY A 62 -11.59 8.81 1.79
CA GLY A 62 -12.44 9.78 1.12
C GLY A 62 -13.88 9.48 1.49
N GLU A 63 -14.82 10.32 1.07
CA GLU A 63 -16.22 10.12 1.40
C GLU A 63 -16.68 8.69 1.07
N SER A 64 -16.31 8.21 -0.11
N SER A 64 -16.35 8.22 -0.13
CA SER A 64 -16.71 6.89 -0.57
CA SER A 64 -16.74 6.88 -0.55
C SER A 64 -15.52 6.07 -1.06
C SER A 64 -15.55 6.06 -1.08
N ILE A 65 -14.35 6.31 -0.45
N ILE A 65 -14.39 6.27 -0.48
CA ILE A 65 -13.15 5.60 -0.86
CA ILE A 65 -13.19 5.54 -0.91
C ILE A 65 -12.48 4.97 0.35
C ILE A 65 -12.44 4.98 0.31
N TYR A 66 -12.11 3.70 0.22
CA TYR A 66 -11.52 2.98 1.34
C TYR A 66 -10.23 2.29 0.92
N LYS A 67 -9.42 1.96 1.92
CA LYS A 67 -8.12 1.34 1.69
C LYS A 67 -7.99 0.13 2.62
N ILE A 68 -7.44 -0.96 2.11
N ILE A 68 -7.48 -0.97 2.08
CA ILE A 68 -7.24 -2.16 2.91
CA ILE A 68 -7.22 -2.18 2.84
C ILE A 68 -5.88 -2.78 2.59
C ILE A 68 -5.79 -2.63 2.57
N SER A 69 -5.06 -2.97 3.63
CA SER A 69 -3.70 -3.44 3.47
C SER A 69 -3.41 -4.59 4.43
N TRP A 70 -2.52 -5.48 4.04
CA TRP A 70 -2.14 -6.57 4.94
C TRP A 70 -0.83 -7.20 4.52
N THR A 71 -0.28 -8.00 5.42
CA THR A 71 0.92 -8.78 5.12
C THR A 71 0.60 -10.26 5.33
N ALA A 72 1.09 -11.10 4.42
CA ALA A 72 0.67 -12.51 4.37
C ALA A 72 1.71 -13.44 4.98
N PRO A 73 1.30 -14.66 5.36
CA PRO A 73 2.26 -15.62 5.90
C PRO A 73 3.33 -16.04 4.90
N THR A 74 3.11 -15.70 3.63
CA THR A 74 4.06 -16.01 2.56
C THR A 74 5.15 -14.94 2.43
N GLY A 75 4.95 -13.81 3.10
CA GLY A 75 5.83 -12.65 2.93
C GLY A 75 5.28 -11.55 2.02
N THR A 76 4.16 -11.81 1.36
CA THR A 76 3.58 -10.84 0.45
C THR A 76 2.95 -9.67 1.19
N ASP A 77 3.10 -8.46 0.63
CA ASP A 77 2.40 -7.28 1.17
C ASP A 77 1.37 -6.83 0.14
N VAL A 78 0.20 -6.40 0.63
CA VAL A 78 -0.88 -5.96 -0.27
C VAL A 78 -1.46 -4.63 0.20
N SER A 79 -1.76 -3.73 -0.74
CA SER A 79 -2.49 -2.51 -0.40
C SER A 79 -3.49 -2.18 -1.52
N LEU A 80 -4.78 -2.18 -1.19
CA LEU A 80 -5.84 -1.96 -2.18
C LEU A 80 -6.62 -0.69 -1.90
N ILE A 81 -7.06 -0.05 -2.98
CA ILE A 81 -7.97 1.08 -2.88
C ILE A 81 -9.30 0.70 -3.51
N VAL A 82 -10.38 0.88 -2.76
CA VAL A 82 -11.71 0.65 -3.31
C VAL A 82 -12.48 1.96 -3.31
N ASN A 83 -12.63 2.54 -4.51
CA ASN A 83 -13.37 3.80 -4.67
C ASN A 83 -14.78 3.45 -5.12
N LEU A 84 -15.68 3.34 -4.15
CA LEU A 84 -17.05 2.95 -4.47
C LEU A 84 -17.81 4.05 -5.20
N GLY A 85 -17.58 5.30 -4.82
CA GLY A 85 -18.25 6.42 -5.46
C GLY A 85 -18.03 6.52 -6.95
N ASP A 86 -16.80 6.28 -7.39
CA ASP A 86 -16.43 6.40 -8.80
C ASP A 86 -16.30 5.04 -9.50
N SER A 87 -16.58 3.98 -8.74
N SER A 87 -16.55 3.97 -8.75
CA SER A 87 -16.38 2.61 -9.21
CA SER A 87 -16.39 2.61 -9.27
C SER A 87 -14.99 2.40 -9.80
C SER A 87 -14.98 2.39 -9.80
N LEU A 88 -13.99 2.73 -8.98
CA LEU A 88 -12.59 2.59 -9.38
C LEU A 88 -11.92 1.70 -8.35
N PHE A 89 -11.02 0.84 -8.82
CA PHE A 89 -10.29 -0.06 -7.94
C PHE A 89 -8.84 -0.01 -8.34
N HIS A 90 -7.95 0.04 -7.36
CA HIS A 90 -6.53 -0.07 -7.67
C HIS A 90 -5.81 -0.92 -6.64
N GLY A 91 -4.98 -1.84 -7.10
CA GLY A 91 -4.26 -2.71 -6.19
C GLY A 91 -2.76 -2.67 -6.39
N THR A 92 -2.04 -2.79 -5.28
CA THR A 92 -0.59 -2.96 -5.30
C THR A 92 -0.25 -4.22 -4.52
N ILE A 93 0.46 -5.14 -5.16
CA ILE A 93 0.87 -6.38 -4.52
C ILE A 93 2.38 -6.50 -4.61
N PHE A 94 3.02 -6.68 -3.46
CA PHE A 94 4.47 -6.83 -3.41
C PHE A 94 4.80 -8.30 -3.18
N PHE A 95 5.15 -9.04 -4.24
CA PHE A 95 5.44 -10.47 -4.11
C PHE A 95 6.90 -10.74 -3.81
N PRO A 96 7.18 -11.66 -2.87
CA PRO A 96 8.56 -12.16 -2.70
C PRO A 96 9.04 -12.93 -3.92
N ARG A 97 10.35 -12.94 -4.14
CA ARG A 97 10.92 -13.62 -5.30
C ARG A 97 10.52 -15.09 -5.39
N TRP A 98 10.47 -15.79 -4.25
CA TRP A 98 10.14 -17.22 -4.30
C TRP A 98 8.73 -17.48 -4.78
N VAL A 99 7.83 -16.53 -4.52
CA VAL A 99 6.46 -16.65 -5.00
C VAL A 99 6.42 -16.44 -6.51
N MET A 100 7.19 -15.47 -7.01
CA MET A 100 7.27 -15.29 -8.45
C MET A 100 7.86 -16.53 -9.12
N ASN A 101 8.82 -17.19 -8.46
CA ASN A 101 9.49 -18.36 -9.04
C ASN A 101 8.61 -19.62 -9.05
N ASN A 102 7.84 -19.82 -7.99
CA ASN A 102 6.97 -20.98 -7.87
C ASN A 102 5.62 -20.59 -7.27
N PRO A 103 4.83 -19.82 -8.02
CA PRO A 103 3.57 -19.31 -7.46
C PRO A 103 2.61 -20.43 -7.04
N GLU A 104 2.72 -21.57 -7.70
CA GLU A 104 1.84 -22.69 -7.41
C GLU A 104 1.99 -23.18 -5.97
N LYS A 105 3.12 -22.91 -5.35
CA LYS A 105 3.33 -23.31 -3.96
C LYS A 105 2.38 -22.58 -3.02
N THR A 106 1.84 -21.45 -3.45
CA THR A 106 0.92 -20.67 -2.60
C THR A 106 -0.55 -20.94 -2.92
N VAL A 107 -0.80 -21.75 -3.96
CA VAL A 107 -2.16 -22.00 -4.43
C VAL A 107 -2.81 -23.13 -3.65
N CYS A 108 -3.67 -22.72 -2.71
CA CYS A 108 -4.29 -23.63 -1.77
C CYS A 108 -5.27 -22.82 -0.94
N PHE A 109 -6.01 -23.49 -0.07
CA PHE A 109 -6.67 -22.80 1.03
C PHE A 109 -5.59 -22.52 2.07
N GLN A 110 -5.13 -21.27 2.13
CA GLN A 110 -3.96 -20.99 2.95
C GLN A 110 -4.14 -21.39 4.40
N ASN A 111 -5.37 -21.28 4.91
CA ASN A 111 -5.63 -21.57 6.31
C ASN A 111 -5.26 -22.98 6.72
N ASP A 112 -5.23 -23.89 5.75
CA ASP A 112 -4.87 -25.29 5.98
C ASP A 112 -3.34 -25.46 6.04
N HIS A 113 -2.60 -24.42 5.67
CA HIS A 113 -1.17 -24.58 5.39
C HIS A 113 -0.31 -23.40 5.86
N ILE A 114 -0.68 -22.77 6.97
CA ILE A 114 0.07 -21.58 7.39
C ILE A 114 1.53 -21.87 7.75
N PRO A 115 1.79 -22.91 8.54
CA PRO A 115 3.20 -23.26 8.81
C PRO A 115 3.99 -23.52 7.53
N LEU A 116 3.36 -24.17 6.54
CA LEU A 116 4.04 -24.41 5.27
C LEU A 116 4.39 -23.09 4.58
N MET A 117 3.43 -22.16 4.53
CA MET A 117 3.70 -20.85 3.93
C MET A 117 4.86 -20.15 4.64
N ASN A 118 4.86 -20.19 5.98
CA ASN A 118 5.96 -19.61 6.75
C ASN A 118 7.29 -20.24 6.41
N SER A 119 7.28 -21.56 6.22
N SER A 119 7.29 -21.56 6.24
CA SER A 119 8.52 -22.26 5.89
CA SER A 119 8.51 -22.27 5.89
C SER A 119 9.06 -21.85 4.53
C SER A 119 9.06 -21.82 4.53
N TYR A 120 8.17 -21.69 3.55
CA TYR A 120 8.58 -21.23 2.23
C TYR A 120 9.08 -19.79 2.31
N ARG A 121 8.37 -18.98 3.07
CA ARG A 121 8.76 -17.58 3.26
C ARG A 121 10.16 -17.48 3.85
N ASP A 122 10.42 -18.27 4.88
CA ASP A 122 11.69 -18.20 5.58
C ASP A 122 12.85 -18.77 4.77
N ALA A 123 12.55 -19.74 3.92
CA ALA A 123 13.56 -20.30 3.01
C ALA A 123 13.91 -19.32 1.90
N GLY A 124 12.93 -18.54 1.45
CA GLY A 124 13.15 -17.57 0.39
C GLY A 124 13.43 -18.21 -0.95
N PRO A 125 14.02 -17.43 -1.89
CA PRO A 125 14.51 -16.06 -1.68
C PRO A 125 13.40 -15.04 -1.51
N ALA A 126 13.58 -14.14 -0.55
CA ALA A 126 12.63 -13.04 -0.37
C ALA A 126 12.75 -12.00 -1.49
N TYR A 127 13.97 -11.78 -1.96
CA TYR A 127 14.25 -10.65 -2.84
C TYR A 127 14.87 -11.12 -4.15
N PRO A 128 14.74 -10.33 -5.22
CA PRO A 128 14.07 -9.02 -5.26
C PRO A 128 12.54 -9.13 -5.25
N THR A 129 11.93 -8.15 -4.59
CA THR A 129 10.48 -8.05 -4.54
C THR A 129 9.96 -7.63 -5.90
N GLU A 130 8.83 -8.21 -6.29
CA GLU A 130 8.19 -7.90 -7.54
C GLU A 130 6.88 -7.18 -7.26
N VAL A 131 6.67 -6.03 -7.89
CA VAL A 131 5.46 -5.26 -7.68
C VAL A 131 4.47 -5.39 -8.81
N ILE A 132 3.25 -5.82 -8.48
CA ILE A 132 2.11 -5.77 -9.40
C ILE A 132 1.29 -4.55 -8.98
N ASP A 133 1.08 -3.62 -9.90
CA ASP A 133 0.39 -2.38 -9.59
C ASP A 133 -0.57 -2.09 -10.74
N GLU A 134 -1.86 -2.31 -10.50
CA GLU A 134 -2.85 -2.27 -11.57
C GLU A 134 -4.19 -1.73 -11.10
N PHE A 135 -4.87 -1.00 -11.98
CA PHE A 135 -6.29 -0.75 -11.78
C PHE A 135 -7.09 -2.01 -12.07
N ALA A 136 -8.32 -2.05 -11.58
CA ALA A 136 -9.21 -3.16 -11.84
C ALA A 136 -10.61 -2.64 -12.15
N THR A 137 -11.39 -3.47 -12.83
CA THR A 137 -12.79 -3.19 -13.09
C THR A 137 -13.63 -3.96 -12.10
N ILE A 138 -14.42 -3.26 -11.30
CA ILE A 138 -15.35 -3.90 -10.36
C ILE A 138 -16.55 -4.47 -11.15
N THR A 139 -16.78 -5.76 -11.03
CA THR A 139 -17.86 -6.39 -11.80
C THR A 139 -19.04 -6.81 -10.92
N PHE A 140 -18.88 -6.77 -9.60
CA PHE A 140 -19.93 -7.19 -8.68
C PHE A 140 -19.69 -6.54 -7.33
N VAL A 141 -20.74 -5.93 -6.77
CA VAL A 141 -20.67 -5.44 -5.40
C VAL A 141 -21.98 -5.71 -4.69
N ARG A 142 -21.89 -6.19 -3.46
CA ARG A 142 -23.08 -6.37 -2.63
C ARG A 142 -22.73 -6.20 -1.16
N ASP A 143 -23.76 -6.07 -0.32
CA ASP A 143 -23.58 -6.02 1.12
C ASP A 143 -24.01 -7.32 1.77
N CYS A 144 -23.15 -7.88 2.62
CA CYS A 144 -23.42 -9.18 3.21
C CYS A 144 -23.45 -9.14 4.73
N GLY A 145 -23.30 -7.94 5.29
CA GLY A 145 -23.19 -7.80 6.73
C GLY A 145 -21.83 -8.26 7.22
N ALA A 146 -21.58 -8.04 8.51
CA ALA A 146 -20.31 -8.40 9.12
C ALA A 146 -20.29 -9.85 9.59
N ASN A 147 -19.09 -10.42 9.62
CA ASN A 147 -18.86 -11.74 10.20
C ASN A 147 -19.75 -12.83 9.62
N ASN A 148 -19.97 -12.76 8.31
CA ASN A 148 -20.77 -13.71 7.57
C ASN A 148 -19.87 -14.78 6.97
N GLU A 149 -19.93 -15.99 7.52
CA GLU A 149 -19.02 -17.05 7.11
C GLU A 149 -19.47 -17.81 5.87
N SER A 150 -20.59 -17.40 5.29
CA SER A 150 -21.05 -18.04 4.07
C SER A 150 -20.57 -17.35 2.79
N VAL A 151 -19.97 -16.16 2.92
CA VAL A 151 -19.61 -15.39 1.73
C VAL A 151 -18.45 -16.04 0.95
N ILE A 152 -17.38 -16.37 1.66
CA ILE A 152 -16.23 -17.01 1.04
C ILE A 152 -15.91 -18.29 1.79
N ALA A 153 -16.26 -19.43 1.20
CA ALA A 153 -16.11 -20.71 1.88
C ALA A 153 -15.78 -21.86 0.94
N CYS A 154 -15.19 -21.55 -0.21
CA CYS A 154 -14.67 -22.60 -1.08
C CYS A 154 -13.70 -21.94 -2.08
N ALA A 155 -12.89 -22.75 -2.73
CA ALA A 155 -12.02 -22.25 -3.79
C ALA A 155 -12.88 -21.81 -4.96
N ALA A 156 -12.38 -20.87 -5.76
CA ALA A 156 -13.12 -20.36 -6.90
C ALA A 156 -13.50 -21.46 -7.89
N SER A 157 -12.65 -22.49 -7.99
CA SER A 157 -12.90 -23.61 -8.91
C SER A 157 -14.18 -24.37 -8.55
N GLU A 158 -14.60 -24.27 -7.30
CA GLU A 158 -15.78 -25.00 -6.83
C GLU A 158 -17.07 -24.19 -6.87
N LEU A 159 -16.99 -22.95 -7.34
CA LEU A 159 -18.15 -22.08 -7.43
C LEU A 159 -19.06 -22.53 -8.56
N PRO A 160 -20.36 -22.20 -8.45
CA PRO A 160 -21.30 -22.51 -9.54
C PRO A 160 -20.89 -21.81 -10.82
N LYS A 161 -21.29 -22.37 -11.96
CA LYS A 161 -20.84 -21.88 -13.26
C LYS A 161 -21.29 -20.46 -13.56
N ASN A 162 -22.42 -20.05 -12.99
CA ASN A 162 -22.98 -18.72 -13.25
C ASN A 162 -22.61 -17.68 -12.21
N PHE A 163 -21.67 -18.03 -11.31
CA PHE A 163 -21.20 -17.11 -10.28
C PHE A 163 -20.75 -15.78 -10.91
N PRO A 164 -21.11 -14.65 -10.29
CA PRO A 164 -21.91 -14.53 -9.06
C PRO A 164 -23.38 -14.23 -9.32
N ASP A 165 -23.92 -14.70 -10.43
CA ASP A 165 -25.33 -14.45 -10.74
C ASP A 165 -26.26 -15.19 -9.77
N ASN A 166 -25.79 -16.31 -9.23
CA ASN A 166 -26.53 -17.08 -8.25
C ASN A 166 -26.81 -16.28 -6.98
N LEU A 167 -25.92 -15.34 -6.67
CA LEU A 167 -26.06 -14.54 -5.46
C LEU A 167 -27.15 -13.48 -5.63
N MET B 1 -20.64 10.90 -8.38
CA MET B 1 -19.71 10.27 -9.31
C MET B 1 -18.91 11.33 -10.05
N ASN B 2 -17.58 11.23 -9.99
CA ASN B 2 -16.70 12.15 -10.70
C ASN B 2 -16.11 11.53 -11.96
N THR B 3 -16.10 12.28 -13.05
CA THR B 3 -15.45 11.82 -14.28
C THR B 3 -14.08 12.48 -14.41
N PHE B 4 -13.06 11.65 -14.47
CA PHE B 4 -11.69 12.14 -14.59
C PHE B 4 -10.83 11.10 -15.28
N ASP B 5 -9.67 11.53 -15.77
CA ASP B 5 -8.72 10.61 -16.40
C ASP B 5 -7.78 10.05 -15.34
N LYS B 6 -7.94 8.77 -15.02
CA LYS B 6 -7.22 8.17 -13.90
C LYS B 6 -5.74 7.97 -14.22
N HIS B 7 -5.35 8.26 -15.46
CA HIS B 7 -3.96 8.15 -15.86
C HIS B 7 -3.25 9.52 -15.97
N ASP B 8 -4.00 10.59 -15.68
CA ASP B 8 -3.45 11.95 -15.71
C ASP B 8 -2.92 12.34 -14.32
N LEU B 9 -1.60 12.51 -14.21
CA LEU B 9 -0.98 12.82 -12.93
C LEU B 9 -0.57 14.29 -12.80
N SER B 10 -1.03 15.14 -13.72
CA SER B 10 -0.62 16.54 -13.73
C SER B 10 -1.05 17.32 -12.48
N GLY B 11 -2.02 16.80 -11.75
CA GLY B 11 -2.45 17.44 -10.51
C GLY B 11 -1.60 17.04 -9.32
N PHE B 12 -0.60 16.19 -9.55
CA PHE B 12 0.17 15.60 -8.46
C PHE B 12 1.69 15.74 -8.67
N VAL B 13 2.15 15.52 -9.90
CA VAL B 13 3.57 15.67 -10.18
C VAL B 13 3.98 17.11 -9.84
N GLY B 14 5.07 17.23 -9.09
CA GLY B 14 5.52 18.56 -8.65
C GLY B 14 5.18 18.87 -7.21
N LYS B 15 4.22 18.14 -6.65
CA LYS B 15 3.79 18.40 -5.28
C LYS B 15 4.86 18.11 -4.24
N HIS B 16 5.01 19.04 -3.31
CA HIS B 16 5.96 18.95 -2.22
C HIS B 16 5.16 19.09 -0.93
N LEU B 17 5.17 18.05 -0.11
CA LEU B 17 4.35 18.01 1.10
C LEU B 17 5.17 17.69 2.34
N VAL B 18 4.81 18.31 3.45
CA VAL B 18 5.33 17.92 4.76
C VAL B 18 4.12 17.48 5.59
N TYR B 19 4.28 16.40 6.34
CA TYR B 19 3.13 15.83 7.07
C TYR B 19 3.59 15.08 8.31
N THR B 20 2.72 15.04 9.32
CA THR B 20 3.03 14.31 10.54
C THR B 20 2.00 13.21 10.75
N TYR B 21 2.47 11.96 10.79
CA TYR B 21 1.63 10.81 11.07
C TYR B 21 1.02 10.86 12.47
N ASP B 22 -0.06 10.12 12.66
CA ASP B 22 -0.73 10.07 13.97
C ASP B 22 0.06 9.29 15.03
N ASN B 23 1.19 8.71 14.64
CA ASN B 23 2.13 8.15 15.61
C ASN B 23 3.25 9.14 15.97
N GLY B 24 3.12 10.37 15.48
CA GLY B 24 4.07 11.42 15.80
C GLY B 24 5.23 11.62 14.84
N TRP B 25 5.41 10.70 13.87
CA TRP B 25 6.58 10.81 13.00
C TRP B 25 6.35 11.80 11.86
N GLU B 26 7.33 12.68 11.62
CA GLU B 26 7.19 13.71 10.60
C GLU B 26 7.98 13.36 9.34
N TYR B 27 7.31 13.44 8.19
CA TYR B 27 7.87 13.04 6.90
C TYR B 27 7.68 14.14 5.87
N GLU B 28 8.35 13.99 4.72
CA GLU B 28 8.27 14.99 3.66
C GLU B 28 8.45 14.26 2.35
N ILE B 29 7.61 14.54 1.36
CA ILE B 29 7.79 13.95 0.03
C ILE B 29 7.77 15.00 -1.07
N TYR B 30 8.45 14.70 -2.17
CA TYR B 30 8.42 15.55 -3.34
C TYR B 30 8.20 14.65 -4.54
N VAL B 31 7.08 14.86 -5.24
CA VAL B 31 6.71 14.03 -6.40
C VAL B 31 7.45 14.59 -7.62
N LYS B 32 8.57 13.95 -7.95
CA LYS B 32 9.56 14.53 -8.84
C LYS B 32 9.21 14.38 -10.31
N ASN B 33 8.61 13.26 -10.67
CA ASN B 33 8.05 13.06 -12.00
C ASN B 33 7.06 11.90 -11.95
N GLU B 34 6.60 11.43 -13.10
N GLU B 34 6.64 11.42 -13.12
CA GLU B 34 5.52 10.43 -13.09
CA GLU B 34 5.56 10.43 -13.18
C GLU B 34 5.88 9.09 -12.46
C GLU B 34 5.89 9.10 -12.51
N ASN B 35 7.17 8.85 -12.23
CA ASN B 35 7.56 7.60 -11.61
C ASN B 35 8.72 7.71 -10.63
N THR B 36 8.89 8.87 -10.03
CA THR B 36 10.01 9.12 -9.14
C THR B 36 9.64 10.07 -8.02
N LEU B 37 10.11 9.79 -6.81
CA LEU B 37 10.00 10.77 -5.73
C LEU B 37 11.31 10.92 -4.99
N ASP B 38 11.49 12.09 -4.36
CA ASP B 38 12.50 12.27 -3.33
C ASP B 38 11.72 12.33 -2.01
N TYR B 39 12.36 11.91 -0.92
CA TYR B 39 11.73 12.07 0.38
C TYR B 39 12.71 12.26 1.52
N ARG B 40 12.19 12.76 2.64
CA ARG B 40 13.06 13.20 3.71
C ARG B 40 12.31 12.97 5.01
N ILE B 41 12.93 12.24 5.92
CA ILE B 41 12.26 11.88 7.17
C ILE B 41 12.79 12.77 8.30
N HIS B 42 11.89 13.42 9.03
CA HIS B 42 12.31 14.42 10.02
C HIS B 42 12.41 13.88 11.43
N SER B 43 11.53 12.94 11.77
CA SER B 43 11.49 12.42 13.12
C SER B 43 10.89 11.02 13.15
N GLY B 44 10.92 10.39 14.32
CA GLY B 44 10.30 9.09 14.48
C GLY B 44 11.29 7.93 14.43
N LEU B 45 10.77 6.76 14.08
CA LEU B 45 11.58 5.54 14.10
C LEU B 45 12.89 5.70 13.35
N VAL B 46 12.83 6.35 12.20
CA VAL B 46 13.99 6.49 11.31
C VAL B 46 14.25 7.95 10.95
N GLY B 47 14.08 8.81 11.94
CA GLY B 47 14.32 10.24 11.75
C GLY B 47 15.69 10.53 11.17
N ASN B 48 15.73 11.47 10.23
CA ASN B 48 16.92 11.95 9.53
C ASN B 48 17.36 11.13 8.31
N ARG B 49 16.71 10.00 8.08
CA ARG B 49 16.91 9.24 6.85
C ARG B 49 16.36 10.06 5.68
N TRP B 50 17.07 10.07 4.55
CA TRP B 50 16.50 10.69 3.37
C TRP B 50 16.96 9.99 2.09
N VAL B 51 16.21 10.20 1.02
CA VAL B 51 16.33 9.41 -0.19
C VAL B 51 16.01 10.27 -1.41
N LYS B 52 16.81 10.14 -2.45
CA LYS B 52 16.50 10.80 -3.72
C LYS B 52 16.31 9.78 -4.83
N ASP B 53 15.45 10.12 -5.78
CA ASP B 53 15.32 9.35 -7.01
C ASP B 53 14.82 7.93 -6.81
N GLN B 54 13.91 7.78 -5.85
CA GLN B 54 13.25 6.50 -5.62
C GLN B 54 12.20 6.23 -6.73
N GLN B 55 12.36 5.12 -7.42
N GLN B 55 12.35 5.12 -7.43
CA GLN B 55 11.36 4.72 -8.42
CA GLN B 55 11.37 4.76 -8.44
C GLN B 55 10.07 4.38 -7.69
C GLN B 55 10.08 4.32 -7.75
N ALA B 56 8.95 4.82 -8.24
CA ALA B 56 7.66 4.57 -7.59
C ALA B 56 6.53 4.39 -8.57
N TYR B 57 5.49 3.71 -8.11
CA TYR B 57 4.28 3.52 -8.88
C TYR B 57 3.28 4.58 -8.41
N ILE B 58 3.00 5.53 -9.29
CA ILE B 58 2.15 6.67 -8.94
C ILE B 58 0.88 6.64 -9.79
N VAL B 59 -0.28 6.69 -9.13
CA VAL B 59 -1.55 6.63 -9.84
C VAL B 59 -2.58 7.57 -9.22
N ARG B 60 -3.63 7.85 -9.99
CA ARG B 60 -4.75 8.68 -9.53
C ARG B 60 -5.94 7.78 -9.21
N VAL B 61 -6.46 7.89 -7.98
CA VAL B 61 -7.56 7.03 -7.56
C VAL B 61 -8.83 7.81 -7.24
N GLY B 62 -8.78 9.12 -7.44
CA GLY B 62 -9.95 9.97 -7.25
C GLY B 62 -9.68 11.30 -7.94
N GLU B 63 -10.69 12.15 -8.04
CA GLU B 63 -10.52 13.45 -8.71
C GLU B 63 -9.27 14.19 -8.21
N SER B 64 -9.08 14.24 -6.90
N SER B 64 -9.08 14.22 -6.91
CA SER B 64 -7.90 14.87 -6.33
CA SER B 64 -7.92 14.87 -6.32
C SER B 64 -7.25 13.97 -5.28
C SER B 64 -7.25 13.97 -5.28
N ILE B 65 -7.20 12.68 -5.58
CA ILE B 65 -6.59 11.71 -4.67
C ILE B 65 -5.61 10.83 -5.43
N TYR B 66 -4.40 10.71 -4.90
CA TYR B 66 -3.33 10.02 -5.58
C TYR B 66 -2.69 8.99 -4.66
N LYS B 67 -2.07 7.97 -5.27
CA LYS B 67 -1.47 6.87 -4.55
C LYS B 67 -0.04 6.72 -5.03
N ILE B 68 0.88 6.45 -4.11
N ILE B 68 0.87 6.47 -4.09
CA ILE B 68 2.27 6.27 -4.50
CA ILE B 68 2.29 6.29 -4.38
C ILE B 68 2.89 5.14 -3.68
C ILE B 68 2.78 5.04 -3.66
N SER B 69 3.44 4.15 -4.38
CA SER B 69 3.96 2.93 -3.77
C SER B 69 5.35 2.62 -4.26
N TRP B 70 6.19 2.06 -3.38
CA TRP B 70 7.53 1.69 -3.79
C TRP B 70 8.14 0.63 -2.88
N THR B 71 9.26 0.07 -3.32
N THR B 71 9.26 0.08 -3.33
CA THR B 71 10.05 -0.82 -2.50
CA THR B 71 10.08 -0.84 -2.54
C THR B 71 11.46 -0.25 -2.35
C THR B 71 11.46 -0.23 -2.35
N ALA B 72 11.95 -0.26 -1.12
CA ALA B 72 13.24 0.31 -0.78
C ALA B 72 14.32 -0.75 -0.84
N PRO B 73 15.59 -0.33 -1.02
CA PRO B 73 16.69 -1.31 -0.99
C PRO B 73 16.91 -1.99 0.36
N THR B 74 16.24 -1.50 1.40
CA THR B 74 16.27 -2.13 2.72
C THR B 74 15.28 -3.31 2.81
N GLY B 75 14.42 -3.44 1.81
CA GLY B 75 13.35 -4.45 1.83
C GLY B 75 11.98 -3.89 2.22
N THR B 76 11.94 -2.65 2.68
CA THR B 76 10.67 -2.03 3.09
C THR B 76 9.76 -1.78 1.90
N ASP B 77 8.46 -2.01 2.09
CA ASP B 77 7.48 -1.64 1.08
C ASP B 77 6.62 -0.50 1.63
N VAL B 78 6.24 0.43 0.75
CA VAL B 78 5.47 1.60 1.17
C VAL B 78 4.31 1.87 0.21
N SER B 79 3.15 2.22 0.76
CA SER B 79 2.05 2.67 -0.08
C SER B 79 1.32 3.82 0.60
N LEU B 80 1.31 4.98 -0.06
CA LEU B 80 0.75 6.21 0.50
C LEU B 80 -0.48 6.67 -0.28
N ILE B 81 -1.39 7.34 0.43
CA ILE B 81 -2.51 8.00 -0.20
C ILE B 81 -2.44 9.48 0.15
N VAL B 82 -2.52 10.34 -0.87
CA VAL B 82 -2.56 11.78 -0.68
C VAL B 82 -3.87 12.27 -1.28
N ASN B 83 -4.80 12.62 -0.40
CA ASN B 83 -6.07 13.18 -0.80
C ASN B 83 -5.99 14.70 -0.68
N LEU B 84 -5.68 15.36 -1.79
CA LEU B 84 -5.47 16.80 -1.78
C LEU B 84 -6.76 17.59 -1.53
N GLY B 85 -7.87 17.08 -2.06
CA GLY B 85 -9.14 17.76 -1.94
C GLY B 85 -9.62 17.92 -0.52
N ASP B 86 -9.42 16.88 0.29
CA ASP B 86 -9.89 16.88 1.68
C ASP B 86 -8.75 17.09 2.66
N SER B 87 -7.56 17.31 2.13
N SER B 87 -7.54 17.28 2.14
CA SER B 87 -6.32 17.40 2.92
CA SER B 87 -6.35 17.42 2.96
C SER B 87 -6.24 16.25 3.92
C SER B 87 -6.21 16.24 3.93
N LEU B 88 -6.27 15.03 3.38
CA LEU B 88 -6.13 13.82 4.18
C LEU B 88 -4.95 13.04 3.60
N PHE B 89 -4.19 12.43 4.48
CA PHE B 89 -3.02 11.63 4.09
C PHE B 89 -3.10 10.32 4.83
N HIS B 90 -2.75 9.22 4.16
CA HIS B 90 -2.65 7.95 4.86
C HIS B 90 -1.49 7.13 4.34
N GLY B 91 -0.67 6.58 5.24
CA GLY B 91 0.47 5.79 4.81
C GLY B 91 0.48 4.38 5.39
N THR B 92 0.96 3.43 4.59
CA THR B 92 1.20 2.09 5.08
C THR B 92 2.64 1.76 4.80
N ILE B 93 3.36 1.36 5.83
CA ILE B 93 4.78 1.03 5.71
C ILE B 93 4.97 -0.39 6.21
N PHE B 94 5.56 -1.23 5.36
CA PHE B 94 5.81 -2.62 5.72
C PHE B 94 7.30 -2.78 6.02
N PHE B 95 7.67 -2.72 7.30
CA PHE B 95 9.08 -2.75 7.67
C PHE B 95 9.58 -4.17 7.88
N PRO B 96 10.78 -4.49 7.37
CA PRO B 96 11.38 -5.77 7.74
C PRO B 96 11.70 -5.78 9.23
N ARG B 97 11.75 -6.98 9.80
CA ARG B 97 11.99 -7.12 11.23
C ARG B 97 13.32 -6.50 11.68
N TRP B 98 14.36 -6.63 10.85
CA TRP B 98 15.67 -6.08 11.22
C TRP B 98 15.65 -4.56 11.34
N VAL B 99 14.78 -3.91 10.57
CA VAL B 99 14.62 -2.46 10.68
C VAL B 99 13.98 -2.09 12.02
N MET B 100 12.93 -2.82 12.41
CA MET B 100 12.32 -2.61 13.71
C MET B 100 13.32 -2.85 14.85
N ASN B 101 14.18 -3.85 14.67
CA ASN B 101 15.17 -4.19 15.71
C ASN B 101 16.23 -3.11 15.90
N ASN B 102 16.70 -2.55 14.80
CA ASN B 102 17.76 -1.53 14.85
C ASN B 102 17.56 -0.49 13.76
N PRO B 103 16.59 0.41 13.94
CA PRO B 103 16.20 1.31 12.85
C PRO B 103 17.28 2.29 12.46
N GLU B 104 18.20 2.58 13.38
CA GLU B 104 19.27 3.51 13.11
C GLU B 104 20.15 3.04 11.94
N LYS B 105 20.16 1.74 11.69
N LYS B 105 20.16 1.74 11.69
CA LYS B 105 20.92 1.19 10.58
CA LYS B 105 20.92 1.17 10.58
C LYS B 105 20.49 1.77 9.24
C LYS B 105 20.48 1.75 9.23
N THR B 106 19.24 2.23 9.16
CA THR B 106 18.72 2.79 7.90
C THR B 106 18.87 4.30 7.80
N VAL B 107 19.37 4.93 8.88
CA VAL B 107 19.40 6.38 8.95
C VAL B 107 20.66 6.94 8.32
N CYS B 108 20.50 7.44 7.10
CA CYS B 108 21.61 7.91 6.30
C CYS B 108 21.03 8.58 5.06
N PHE B 109 21.90 9.19 4.24
CA PHE B 109 21.50 9.54 2.89
C PHE B 109 21.60 8.24 2.12
N GLN B 110 20.46 7.62 1.83
CA GLN B 110 20.49 6.27 1.30
C GLN B 110 21.26 6.13 0.00
N ASN B 111 21.22 7.17 -0.84
CA ASN B 111 21.86 7.10 -2.15
C ASN B 111 23.36 6.82 -2.09
N ASP B 112 23.98 7.13 -0.96
CA ASP B 112 25.41 6.88 -0.81
C ASP B 112 25.68 5.51 -0.16
N HIS B 113 24.61 4.77 0.10
CA HIS B 113 24.72 3.55 0.91
C HIS B 113 23.79 2.44 0.47
N ILE B 114 23.50 2.37 -0.82
CA ILE B 114 22.61 1.32 -1.31
C ILE B 114 23.21 -0.08 -1.08
N PRO B 115 24.52 -0.26 -1.35
CA PRO B 115 25.09 -1.57 -1.02
C PRO B 115 24.97 -1.95 0.45
N LEU B 116 25.16 -0.98 1.35
CA LEU B 116 24.96 -1.24 2.76
C LEU B 116 23.52 -1.67 3.05
N MET B 117 22.56 -0.93 2.51
CA MET B 117 21.15 -1.26 2.77
C MET B 117 20.84 -2.66 2.25
N ASN B 118 21.34 -2.99 1.06
CA ASN B 118 21.14 -4.32 0.50
C ASN B 118 21.77 -5.41 1.37
N SER B 119 22.96 -5.12 1.91
N SER B 119 22.95 -5.11 1.91
CA SER B 119 23.63 -6.09 2.77
CA SER B 119 23.66 -6.03 2.79
C SER B 119 22.85 -6.34 4.06
C SER B 119 22.83 -6.33 4.04
N TYR B 120 22.34 -5.28 4.69
CA TYR B 120 21.51 -5.42 5.87
C TYR B 120 20.23 -6.18 5.54
N ARG B 121 19.65 -5.85 4.38
CA ARG B 121 18.42 -6.52 3.94
C ARG B 121 18.63 -8.01 3.77
N ASP B 122 19.71 -8.39 3.07
CA ASP B 122 19.98 -9.78 2.73
C ASP B 122 20.34 -10.60 3.96
N ALA B 123 20.92 -9.94 4.96
CA ALA B 123 21.27 -10.62 6.20
C ALA B 123 20.05 -10.86 7.06
N GLY B 124 19.09 -9.94 7.02
CA GLY B 124 17.86 -10.09 7.79
C GLY B 124 18.07 -9.88 9.28
N PRO B 125 17.09 -10.31 10.09
CA PRO B 125 15.89 -11.06 9.68
C PRO B 125 14.88 -10.19 8.92
N ALA B 126 14.37 -10.71 7.81
CA ALA B 126 13.29 -10.03 7.09
C ALA B 126 11.96 -10.07 7.86
N TYR B 127 11.70 -11.17 8.55
CA TYR B 127 10.38 -11.44 9.08
C TYR B 127 10.40 -11.67 10.58
N PRO B 128 9.25 -11.50 11.24
CA PRO B 128 7.98 -11.08 10.65
C PRO B 128 7.94 -9.59 10.31
N THR B 129 7.24 -9.29 9.24
CA THR B 129 7.05 -7.91 8.78
C THR B 129 6.22 -7.11 9.80
N GLU B 130 6.61 -5.86 10.01
CA GLU B 130 5.86 -4.97 10.89
C GLU B 130 5.09 -3.97 10.05
N VAL B 131 3.75 -3.93 10.20
CA VAL B 131 2.94 -3.01 9.41
C VAL B 131 2.62 -1.75 10.20
N ILE B 132 3.07 -0.60 9.70
CA ILE B 132 2.73 0.69 10.26
C ILE B 132 1.67 1.30 9.37
N ASP B 133 0.51 1.61 9.93
CA ASP B 133 -0.62 2.08 9.14
C ASP B 133 -1.25 3.25 9.86
N GLU B 134 -1.07 4.44 9.31
CA GLU B 134 -1.44 5.67 10.01
C GLU B 134 -1.90 6.77 9.09
N PHE B 135 -2.93 7.49 9.53
CA PHE B 135 -3.26 8.76 8.92
C PHE B 135 -2.17 9.77 9.27
N ALA B 136 -2.07 10.83 8.46
CA ALA B 136 -1.19 11.95 8.78
C ALA B 136 -1.88 13.29 8.53
N THR B 137 -1.34 14.32 9.17
CA THR B 137 -1.80 15.68 8.98
C THR B 137 -0.84 16.40 8.06
N ILE B 138 -1.36 16.91 6.94
CA ILE B 138 -0.53 17.66 6.01
C ILE B 138 -0.38 19.07 6.56
N THR B 139 0.87 19.50 6.73
CA THR B 139 1.14 20.80 7.35
C THR B 139 1.74 21.79 6.35
N PHE B 140 2.07 21.31 5.16
CA PHE B 140 2.67 22.17 4.14
C PHE B 140 2.52 21.53 2.77
N VAL B 141 2.09 22.32 1.79
CA VAL B 141 2.03 21.86 0.41
C VAL B 141 2.38 22.99 -0.56
N ARG B 142 3.18 22.65 -1.57
CA ARG B 142 3.48 23.61 -2.64
C ARG B 142 3.80 22.83 -3.90
N ASP B 143 3.92 23.56 -5.02
CA ASP B 143 4.21 22.96 -6.32
C ASP B 143 5.62 23.39 -6.72
N CYS B 144 6.51 22.41 -6.87
CA CYS B 144 7.90 22.69 -7.19
C CYS B 144 8.29 22.16 -8.56
N GLY B 145 7.29 21.83 -9.38
CA GLY B 145 7.54 21.36 -10.73
C GLY B 145 8.24 20.02 -10.77
N ALA B 146 8.58 19.58 -11.98
CA ALA B 146 9.18 18.26 -12.16
C ALA B 146 10.71 18.34 -12.19
N ASN B 147 11.34 17.28 -11.67
CA ASN B 147 12.80 17.13 -11.75
C ASN B 147 13.59 18.29 -11.16
N ASN B 148 13.06 18.82 -10.07
CA ASN B 148 13.67 19.94 -9.36
C ASN B 148 14.59 19.41 -8.27
N GLU B 149 15.90 19.53 -8.48
CA GLU B 149 16.87 18.95 -7.54
C GLU B 149 17.10 19.83 -6.31
N SER B 150 16.47 21.00 -6.26
CA SER B 150 16.65 21.90 -5.13
C SER B 150 15.69 21.62 -3.98
N VAL B 151 14.65 20.82 -4.23
CA VAL B 151 13.62 20.64 -3.22
C VAL B 151 14.13 19.84 -2.02
N ILE B 152 14.74 18.69 -2.29
CA ILE B 152 15.30 17.87 -1.23
C ILE B 152 16.77 17.62 -1.50
N ALA B 153 17.63 18.33 -0.77
CA ALA B 153 19.05 18.39 -1.09
C ALA B 153 19.96 18.23 0.13
N CYS B 154 19.35 17.94 1.28
CA CYS B 154 20.12 17.69 2.49
C CYS B 154 19.28 16.93 3.50
N ALA B 155 19.93 16.41 4.54
CA ALA B 155 19.20 15.78 5.63
C ALA B 155 18.38 16.81 6.40
N ALA B 156 17.31 16.35 7.05
CA ALA B 156 16.44 17.24 7.81
C ALA B 156 17.18 18.02 8.89
N SER B 157 18.19 17.39 9.50
CA SER B 157 18.99 18.04 10.52
C SER B 157 19.75 19.26 10.01
N GLU B 158 19.91 19.36 8.70
CA GLU B 158 20.64 20.47 8.10
C GLU B 158 19.72 21.62 7.64
N LEU B 159 18.42 21.44 7.82
CA LEU B 159 17.45 22.45 7.45
C LEU B 159 17.31 23.53 8.51
N PRO B 160 16.89 24.74 8.10
CA PRO B 160 16.62 25.85 9.02
C PRO B 160 15.69 25.44 10.15
N LYS B 161 15.91 26.05 11.31
CA LYS B 161 15.11 25.77 12.51
C LYS B 161 13.60 25.89 12.27
N ASN B 162 13.21 26.87 11.47
CA ASN B 162 11.79 27.15 11.24
C ASN B 162 11.17 26.42 10.04
N PHE B 163 11.83 25.36 9.57
CA PHE B 163 11.38 24.66 8.38
C PHE B 163 9.97 24.09 8.58
N PRO B 164 9.08 24.31 7.61
CA PRO B 164 9.32 25.02 6.35
C PRO B 164 8.78 26.46 6.34
N ASP B 165 8.73 27.13 7.48
CA ASP B 165 8.26 28.52 7.53
C ASP B 165 9.11 29.42 6.64
N ASN B 166 10.38 29.06 6.48
CA ASN B 166 11.29 29.80 5.61
C ASN B 166 10.86 29.73 4.15
N LEU B 167 10.03 28.75 3.82
CA LEU B 167 9.50 28.60 2.48
C LEU B 167 8.19 29.38 2.35
#